data_5KLU
#
_entry.id   5KLU
#
_cell.length_a   54.489
_cell.length_b   61.438
_cell.length_c   74.165
_cell.angle_alpha   90.000
_cell.angle_beta   90.000
_cell.angle_gamma   90.000
#
_symmetry.space_group_name_H-M   'P 21 21 2'
#
loop_
_entity.id
_entity.type
_entity.pdbx_description
1 polymer 'Cytochrome c iso-1'
2 non-polymer 'HEME C'
3 non-polymer omega-undecylenyl-beta-D-maltopyranoside
4 non-polymer 'SULFATE ION'
5 water water
#
_entity_poly.entity_id   1
_entity_poly.type   'polypeptide(L)'
_entity_poly.pdbx_seq_one_letter_code
;FKAGSAKKGATLFKTRCLQCHTVEKGGPHKVGPNLHGIFGRHSGQAEGYSYTDANIKKNVLWDENNMSEYLTNPAKYIPG
TKMAFGGLKKEKDRNDLITYLKKASE
;
_entity_poly.pdbx_strand_id   A,B
#
# COMPACT_ATOMS: atom_id res chain seq x y z
N GLY A 4 -22.04 15.69 -6.19
CA GLY A 4 -22.03 14.64 -5.18
C GLY A 4 -23.42 14.11 -4.87
N SER A 5 -23.63 12.82 -5.04
CA SER A 5 -24.84 12.14 -4.57
C SER A 5 -24.61 11.67 -3.14
N ALA A 6 -25.20 12.37 -2.17
CA ALA A 6 -25.10 11.88 -0.79
C ALA A 6 -25.78 10.53 -0.63
N LYS A 7 -26.78 10.25 -1.47
CA LYS A 7 -27.44 8.95 -1.43
C LYS A 7 -26.49 7.83 -1.85
N LYS A 8 -25.77 8.02 -2.96
CA LYS A 8 -24.75 7.03 -3.28
C LYS A 8 -23.61 7.04 -2.26
N GLY A 9 -23.28 8.19 -1.68
CA GLY A 9 -22.25 8.22 -0.65
C GLY A 9 -22.60 7.42 0.59
N ALA A 10 -23.86 7.51 1.03
CA ALA A 10 -24.32 6.70 2.17
C ALA A 10 -24.07 5.22 1.92
N THR A 11 -24.43 4.75 0.72
CA THR A 11 -24.28 3.32 0.41
C THR A 11 -22.81 2.94 0.32
N LEU A 12 -21.97 3.82 -0.24
CA LEU A 12 -20.54 3.56 -0.20
C LEU A 12 -20.04 3.43 1.23
N PHE A 13 -20.48 4.33 2.12
CA PHE A 13 -19.95 4.25 3.49
C PHE A 13 -20.39 2.98 4.17
N LYS A 14 -21.62 2.54 3.92
N LYS A 14 -21.63 2.56 3.91
CA LYS A 14 -22.09 1.35 4.64
CA LYS A 14 -22.16 1.37 4.55
C LYS A 14 -21.40 0.09 4.15
C LYS A 14 -21.36 0.14 4.16
N THR A 15 -21.01 0.03 2.88
CA THR A 15 -20.35 -1.16 2.38
C THR A 15 -18.84 -1.08 2.44
N ARG A 16 -18.26 0.12 2.56
CA ARG A 16 -16.83 0.27 2.47
C ARG A 16 -16.15 0.77 3.75
N CYS A 17 -16.88 1.43 4.66
CA CYS A 17 -16.25 2.10 5.79
C CYS A 17 -16.83 1.64 7.11
N LEU A 18 -18.14 1.35 7.14
CA LEU A 18 -18.82 1.06 8.42
C LEU A 18 -18.24 -0.17 9.14
N GLN A 19 -17.64 -1.10 8.40
CA GLN A 19 -17.03 -2.25 9.03
C GLN A 19 -15.92 -1.86 10.00
N CYS A 20 -15.31 -0.66 9.84
CA CYS A 20 -14.28 -0.18 10.75
C CYS A 20 -14.54 1.19 11.37
N HIS A 21 -15.61 1.90 10.99
CA HIS A 21 -15.82 3.24 11.51
C HIS A 21 -17.28 3.50 11.83
N THR A 22 -17.53 4.20 12.93
CA THR A 22 -18.83 4.81 13.11
C THR A 22 -18.70 6.31 12.84
N VAL A 23 -19.84 6.96 12.73
N VAL A 23 -19.84 6.96 12.66
CA VAL A 23 -19.88 8.35 12.31
CA VAL A 23 -19.85 8.36 12.29
C VAL A 23 -20.59 9.22 13.35
C VAL A 23 -20.70 9.23 13.20
N GLU A 24 -21.61 8.66 14.00
CA GLU A 24 -22.49 9.48 14.83
C GLU A 24 -21.74 10.00 16.06
N LYS A 25 -22.23 11.12 16.58
CA LYS A 25 -21.63 11.74 17.75
C LYS A 25 -21.71 10.81 18.95
N GLY A 26 -20.58 10.65 19.65
CA GLY A 26 -20.46 9.67 20.71
C GLY A 26 -20.34 8.22 20.24
N GLY A 27 -20.31 7.96 18.94
CA GLY A 27 -20.25 6.60 18.43
C GLY A 27 -19.01 5.88 18.93
N PRO A 28 -19.06 4.55 19.04
CA PRO A 28 -17.89 3.81 19.54
C PRO A 28 -16.79 3.79 18.51
N HIS A 29 -15.57 3.57 18.99
CA HIS A 29 -14.48 3.21 18.13
C HIS A 29 -14.61 1.75 17.76
N LYS A 30 -14.00 1.42 16.63
CA LYS A 30 -13.93 0.05 16.16
C LYS A 30 -12.49 -0.22 15.80
N VAL A 31 -12.25 -1.02 14.74
CA VAL A 31 -10.88 -1.12 14.26
C VAL A 31 -10.28 0.27 13.97
N GLY A 32 -11.09 1.18 13.39
CA GLY A 32 -10.70 2.57 13.20
C GLY A 32 -11.53 3.51 14.05
N PRO A 33 -11.12 4.76 14.15
CA PRO A 33 -11.77 5.68 15.07
C PRO A 33 -13.13 6.15 14.57
N ASN A 34 -13.99 6.48 15.53
CA ASN A 34 -15.21 7.23 15.23
C ASN A 34 -14.86 8.50 14.45
N LEU A 35 -15.63 8.78 13.42
CA LEU A 35 -15.31 9.85 12.48
C LEU A 35 -16.12 11.12 12.74
N HIS A 36 -16.91 11.17 13.81
CA HIS A 36 -17.69 12.35 14.08
C HIS A 36 -16.79 13.57 14.14
N GLY A 37 -17.17 14.64 13.44
CA GLY A 37 -16.41 15.88 13.47
C GLY A 37 -15.11 15.86 12.70
N ILE A 38 -14.85 14.84 11.88
CA ILE A 38 -13.54 14.69 11.25
C ILE A 38 -13.16 15.93 10.45
N PHE A 39 -14.10 16.55 9.75
CA PHE A 39 -13.72 17.70 8.92
C PHE A 39 -13.47 18.92 9.81
N GLY A 40 -12.46 19.69 9.45
CA GLY A 40 -12.02 20.76 10.32
C GLY A 40 -11.39 20.34 11.63
N ARG A 41 -10.98 19.07 11.78
CA ARG A 41 -10.04 18.72 12.83
C ARG A 41 -8.84 18.06 12.20
N HIS A 42 -7.75 17.96 12.97
CA HIS A 42 -6.53 17.39 12.42
C HIS A 42 -6.59 15.87 12.49
N SER A 43 -5.84 15.23 11.60
CA SER A 43 -5.67 13.78 11.67
C SER A 43 -5.11 13.37 13.02
N GLY A 44 -5.52 12.19 13.52
CA GLY A 44 -4.95 11.61 14.73
C GLY A 44 -5.47 12.18 16.03
N GLN A 45 -6.66 12.80 16.04
CA GLN A 45 -7.15 13.53 17.21
C GLN A 45 -8.46 13.03 17.83
N ALA A 46 -9.08 11.97 17.31
CA ALA A 46 -10.29 11.48 17.97
C ALA A 46 -9.99 11.10 19.42
N GLU A 47 -10.82 11.56 20.32
CA GLU A 47 -10.74 11.19 21.74
C GLU A 47 -11.01 9.71 21.95
N GLY A 48 -10.17 9.08 22.78
CA GLY A 48 -10.35 7.69 23.16
C GLY A 48 -9.72 6.69 22.21
N TYR A 49 -9.10 7.14 21.14
CA TYR A 49 -8.49 6.23 20.19
C TYR A 49 -7.02 6.58 20.08
N SER A 50 -6.15 5.57 20.11
CA SER A 50 -4.72 5.82 19.99
C SER A 50 -4.26 5.24 18.66
N TYR A 51 -3.61 6.08 17.86
CA TYR A 51 -3.37 5.85 16.43
C TYR A 51 -1.99 5.25 16.20
N THR A 52 -1.76 4.78 14.98
CA THR A 52 -0.38 4.46 14.65
C THR A 52 0.42 5.75 14.57
N ASP A 53 1.72 5.62 14.35
CA ASP A 53 2.52 6.82 14.21
C ASP A 53 2.37 7.48 12.84
N ALA A 54 1.59 6.92 11.93
CA ALA A 54 1.50 7.50 10.60
C ALA A 54 1.15 8.99 10.63
N ASN A 55 0.22 9.40 11.48
CA ASN A 55 -0.20 10.79 11.37
C ASN A 55 0.81 11.76 11.98
N ILE A 56 1.79 11.25 12.73
CA ILE A 56 2.76 12.14 13.36
C ILE A 56 3.54 12.89 12.30
N LYS A 57 4.13 12.17 11.36
CA LYS A 57 4.84 12.79 10.25
C LYS A 57 3.96 13.13 9.05
N LYS A 58 2.71 12.73 9.03
CA LYS A 58 1.83 13.00 7.90
C LYS A 58 0.55 13.65 8.44
N ASN A 59 0.68 14.84 8.99
CA ASN A 59 -0.42 15.45 9.71
C ASN A 59 -1.18 16.38 8.78
N VAL A 60 -2.52 16.32 8.81
CA VAL A 60 -3.32 17.22 7.98
C VAL A 60 -4.49 17.77 8.77
N LEU A 61 -4.98 18.91 8.29
CA LEU A 61 -6.27 19.45 8.67
C LEU A 61 -7.28 18.96 7.62
N TRP A 62 -8.15 18.04 8.03
CA TRP A 62 -9.02 17.36 7.08
C TRP A 62 -9.97 18.34 6.40
N ASP A 63 -9.94 18.34 5.08
CA ASP A 63 -10.91 19.03 4.23
C ASP A 63 -11.23 18.07 3.08
N GLU A 64 -11.99 18.54 2.08
CA GLU A 64 -12.45 17.64 1.03
C GLU A 64 -11.34 17.29 0.04
N ASN A 65 -10.35 18.19 -0.12
CA ASN A 65 -9.22 17.93 -1.01
C ASN A 65 -8.31 16.83 -0.48
N ASN A 66 -7.77 16.99 0.74
CA ASN A 66 -6.90 15.94 1.26
C ASN A 66 -7.68 14.67 1.65
N MET A 67 -8.95 14.76 2.03
CA MET A 67 -9.74 13.54 2.23
C MET A 67 -9.81 12.74 0.94
N SER A 68 -10.10 13.41 -0.17
CA SER A 68 -10.21 12.71 -1.44
C SER A 68 -8.88 12.08 -1.82
N GLU A 69 -7.77 12.80 -1.60
CA GLU A 69 -6.45 12.22 -1.84
C GLU A 69 -6.20 11.02 -0.94
N TYR A 70 -6.48 11.16 0.36
CA TYR A 70 -6.27 10.07 1.31
C TYR A 70 -7.05 8.84 0.90
N LEU A 71 -8.33 9.04 0.52
CA LEU A 71 -9.22 7.91 0.25
C LEU A 71 -8.94 7.26 -1.07
N THR A 72 -8.09 7.86 -1.91
CA THR A 72 -7.60 7.12 -3.06
C THR A 72 -6.73 5.94 -2.63
N ASN A 73 -6.15 5.98 -1.41
CA ASN A 73 -5.25 4.91 -0.96
C ASN A 73 -4.89 5.04 0.52
N PRO A 74 -5.80 4.72 1.44
CA PRO A 74 -5.45 4.80 2.87
C PRO A 74 -4.44 3.75 3.32
N ALA A 75 -4.37 2.61 2.63
CA ALA A 75 -3.48 1.53 3.09
C ALA A 75 -2.01 1.93 3.06
N LYS A 76 -1.62 2.82 2.14
CA LYS A 76 -0.21 3.19 2.06
C LYS A 76 0.25 3.94 3.30
N TYR A 77 -0.67 4.45 4.11
CA TYR A 77 -0.31 5.07 5.39
C TYR A 77 -0.37 4.10 6.57
N ILE A 78 -0.87 2.89 6.37
CA ILE A 78 -0.89 1.91 7.45
C ILE A 78 0.54 1.39 7.60
N PRO A 79 1.18 1.57 8.74
CA PRO A 79 2.57 1.11 8.89
C PRO A 79 2.67 -0.39 8.65
N GLY A 80 3.69 -0.78 7.88
CA GLY A 80 3.91 -2.17 7.58
C GLY A 80 3.31 -2.66 6.29
N THR A 81 2.36 -1.93 5.68
CA THR A 81 1.83 -2.37 4.38
C THR A 81 2.91 -2.35 3.30
N LYS A 82 3.82 -1.38 3.37
CA LYS A 82 4.90 -1.36 2.38
C LYS A 82 5.88 -2.51 2.62
N MET A 83 6.18 -2.81 3.88
CA MET A 83 7.06 -3.93 4.19
C MET A 83 6.44 -5.27 3.82
N ALA A 84 5.11 -5.34 3.70
CA ALA A 84 4.41 -6.61 3.51
C ALA A 84 4.97 -7.39 2.34
N PHE A 85 5.20 -6.72 1.21
CA PHE A 85 5.61 -7.41 -0.01
C PHE A 85 7.06 -7.12 -0.38
N GLY A 86 7.90 -6.90 0.63
CA GLY A 86 9.31 -6.68 0.38
C GLY A 86 9.71 -5.23 0.29
N GLY A 87 8.92 -4.32 0.86
CA GLY A 87 9.37 -2.94 0.94
C GLY A 87 10.53 -2.82 1.91
N LEU A 88 11.55 -2.06 1.51
CA LEU A 88 12.63 -1.68 2.39
C LEU A 88 12.72 -0.17 2.43
N LYS A 89 12.82 0.39 3.64
CA LYS A 89 12.73 1.84 3.81
C LYS A 89 14.03 2.52 3.41
N LYS A 90 15.09 2.30 4.17
CA LYS A 90 16.33 3.05 3.99
C LYS A 90 16.97 2.75 2.65
N GLU A 91 17.53 3.78 2.01
CA GLU A 91 18.08 3.63 0.67
C GLU A 91 19.31 2.73 0.67
N LYS A 92 20.13 2.79 1.72
CA LYS A 92 21.33 1.95 1.72
C LYS A 92 21.01 0.47 1.98
N ASP A 93 19.74 0.08 2.08
CA ASP A 93 19.37 -1.32 2.20
C ASP A 93 18.85 -1.92 0.89
N ARG A 94 18.08 -1.16 0.10
CA ARG A 94 17.79 -1.60 -1.26
C ARG A 94 19.07 -1.71 -2.07
N ASN A 95 19.87 -0.65 -2.09
CA ASN A 95 21.14 -0.68 -2.82
C ASN A 95 22.01 -1.83 -2.35
N ASP A 96 21.92 -2.22 -1.08
CA ASP A 96 22.71 -3.33 -0.58
C ASP A 96 22.29 -4.64 -1.24
N LEU A 97 20.99 -4.85 -1.43
CA LEU A 97 20.49 -6.16 -1.82
C LEU A 97 20.06 -6.28 -3.27
N ILE A 98 19.96 -5.19 -4.02
CA ILE A 98 19.77 -5.35 -5.45
C ILE A 98 21.09 -5.75 -6.10
N THR A 99 22.21 -5.28 -5.57
CA THR A 99 23.51 -5.65 -6.14
C THR A 99 23.76 -7.14 -5.99
N TYR A 100 23.17 -7.79 -4.99
CA TYR A 100 23.17 -9.25 -4.96
C TYR A 100 22.16 -9.78 -5.97
N LEU A 101 20.94 -9.21 -6.01
CA LEU A 101 19.94 -9.68 -6.96
C LEU A 101 20.50 -9.77 -8.38
N LYS A 102 21.54 -8.99 -8.67
CA LYS A 102 22.27 -9.15 -9.92
C LYS A 102 23.19 -10.37 -9.90
N LYS A 103 23.73 -10.73 -8.73
CA LYS A 103 24.60 -11.90 -8.63
C LYS A 103 23.81 -13.19 -8.75
N ALA A 104 22.74 -13.32 -7.95
CA ALA A 104 21.97 -14.55 -7.94
C ALA A 104 21.16 -14.78 -9.21
N SER A 105 20.88 -13.71 -9.97
CA SER A 105 20.34 -13.88 -11.31
C SER A 105 21.29 -14.69 -12.18
N GLU A 106 22.58 -14.34 -12.16
CA GLU A 106 23.61 -15.12 -12.83
C GLU A 106 23.77 -16.47 -12.11
N PHE B 1 23.12 3.99 -4.84
CA PHE B 1 22.91 2.78 -5.60
C PHE B 1 24.21 2.22 -6.21
N LYS B 2 25.23 2.04 -5.38
CA LYS B 2 26.43 1.31 -5.79
C LYS B 2 26.69 0.19 -4.79
N ALA B 3 27.00 -0.99 -5.32
CA ALA B 3 27.52 -2.13 -4.56
C ALA B 3 26.77 -2.39 -3.25
N GLY B 4 27.46 -2.96 -2.29
CA GLY B 4 26.85 -3.31 -1.02
C GLY B 4 27.52 -4.53 -0.44
N SER B 5 27.04 -4.93 0.73
CA SER B 5 27.59 -6.08 1.43
C SER B 5 26.93 -7.37 0.96
N ALA B 6 27.71 -8.44 0.92
CA ALA B 6 27.20 -9.73 0.47
C ALA B 6 26.69 -10.60 1.61
N LYS B 7 27.32 -10.53 2.79
CA LYS B 7 26.90 -11.41 3.88
C LYS B 7 25.55 -10.98 4.43
N LYS B 8 25.36 -9.67 4.68
CA LYS B 8 24.01 -9.19 4.96
C LYS B 8 23.10 -9.35 3.75
N GLY B 9 23.68 -9.50 2.56
CA GLY B 9 22.91 -9.83 1.37
C GLY B 9 22.07 -11.08 1.55
N ALA B 10 22.73 -12.21 1.84
CA ALA B 10 21.99 -13.45 2.09
C ALA B 10 20.97 -13.27 3.20
N THR B 11 21.35 -12.53 4.25
CA THR B 11 20.43 -12.32 5.37
C THR B 11 19.22 -11.50 4.94
N LEU B 12 19.47 -10.31 4.37
CA LEU B 12 18.37 -9.42 4.03
C LEU B 12 17.40 -10.10 3.05
N PHE B 13 17.92 -10.77 2.02
CA PHE B 13 17.03 -11.48 1.11
C PHE B 13 16.34 -12.64 1.81
N LYS B 14 16.99 -13.27 2.80
CA LYS B 14 16.33 -14.28 3.60
C LYS B 14 15.34 -13.67 4.59
N THR B 15 15.66 -12.49 5.15
CA THR B 15 14.72 -11.85 6.06
C THR B 15 13.44 -11.44 5.35
N ARG B 16 13.55 -10.93 4.13
CA ARG B 16 12.45 -10.18 3.54
C ARG B 16 11.94 -10.74 2.20
N CYS B 17 12.58 -11.75 1.64
CA CYS B 17 12.12 -12.25 0.34
C CYS B 17 11.92 -13.75 0.30
N LEU B 18 12.76 -14.53 0.99
CA LEU B 18 12.73 -15.98 0.90
C LEU B 18 11.34 -16.57 1.02
N GLN B 19 10.47 -15.94 1.82
CA GLN B 19 9.13 -16.48 2.05
C GLN B 19 8.32 -16.54 0.78
N CYS B 20 8.64 -15.68 -0.20
CA CYS B 20 7.83 -15.55 -1.40
C CYS B 20 8.59 -15.74 -2.70
N HIS B 21 9.91 -15.90 -2.66
CA HIS B 21 10.72 -15.94 -3.87
C HIS B 21 11.86 -16.92 -3.69
N THR B 22 12.12 -17.71 -4.72
CA THR B 22 13.39 -18.39 -4.91
C THR B 22 14.10 -17.77 -6.12
N VAL B 23 15.35 -18.16 -6.34
CA VAL B 23 16.13 -17.44 -7.34
C VAL B 23 16.90 -18.36 -8.27
N GLU B 24 17.53 -19.40 -7.72
CA GLU B 24 18.45 -20.22 -8.50
C GLU B 24 17.78 -20.73 -9.78
N LYS B 25 18.60 -20.91 -10.82
CA LYS B 25 18.10 -21.29 -12.14
C LYS B 25 17.15 -22.47 -12.05
N GLY B 26 15.96 -22.33 -12.63
CA GLY B 26 14.95 -23.35 -12.53
C GLY B 26 14.32 -23.50 -11.17
N GLY B 27 14.43 -22.50 -10.31
CA GLY B 27 13.89 -22.57 -8.98
C GLY B 27 12.38 -22.66 -8.98
N PRO B 28 11.81 -23.22 -7.90
CA PRO B 28 10.36 -23.35 -7.83
C PRO B 28 9.69 -21.99 -7.70
N HIS B 29 8.43 -21.94 -8.11
CA HIS B 29 7.62 -20.77 -7.80
C HIS B 29 7.10 -20.85 -6.38
N LYS B 30 6.75 -19.70 -5.84
CA LYS B 30 6.19 -19.59 -4.50
C LYS B 30 4.89 -18.80 -4.65
N VAL B 31 4.45 -18.15 -3.56
CA VAL B 31 3.42 -17.14 -3.71
C VAL B 31 3.86 -16.09 -4.73
N GLY B 32 5.16 -15.83 -4.81
CA GLY B 32 5.71 -14.97 -5.83
C GLY B 32 6.59 -15.75 -6.79
N PRO B 33 6.77 -15.21 -7.99
CA PRO B 33 7.53 -15.95 -9.02
C PRO B 33 9.00 -16.06 -8.67
N ASN B 34 9.61 -17.12 -9.19
CA ASN B 34 11.06 -17.25 -9.12
C ASN B 34 11.71 -16.11 -9.90
N LEU B 35 12.89 -15.69 -9.45
CA LEU B 35 13.51 -14.46 -9.95
C LEU B 35 14.76 -14.72 -10.77
N HIS B 36 14.93 -15.94 -11.29
CA HIS B 36 16.10 -16.27 -12.10
C HIS B 36 16.21 -15.35 -13.31
N GLY B 37 17.26 -14.53 -13.35
CA GLY B 37 17.46 -13.59 -14.42
C GLY B 37 16.31 -12.61 -14.60
N ILE B 38 15.95 -11.89 -13.54
CA ILE B 38 14.88 -10.91 -13.65
C ILE B 38 15.27 -9.78 -14.58
N PHE B 39 16.56 -9.62 -14.85
CA PHE B 39 17.03 -8.70 -15.87
C PHE B 39 17.05 -9.40 -17.22
N GLY B 40 16.95 -8.60 -18.28
CA GLY B 40 16.90 -9.16 -19.62
C GLY B 40 15.56 -9.78 -19.94
N ARG B 41 15.14 -10.76 -19.14
CA ARG B 41 13.82 -11.35 -19.28
C ARG B 41 12.77 -10.35 -18.82
N HIS B 42 11.86 -9.97 -19.72
CA HIS B 42 10.92 -8.88 -19.47
C HIS B 42 10.14 -9.12 -18.18
N SER B 43 9.66 -8.03 -17.59
CA SER B 43 9.01 -8.09 -16.29
C SER B 43 7.63 -8.75 -16.40
N GLY B 44 7.26 -9.48 -15.34
CA GLY B 44 6.01 -10.22 -15.36
C GLY B 44 5.98 -11.33 -16.38
N GLN B 45 7.15 -11.90 -16.72
CA GLN B 45 7.27 -12.87 -17.80
C GLN B 45 8.05 -14.09 -17.31
N ALA B 46 7.60 -14.71 -16.22
CA ALA B 46 8.17 -15.96 -15.76
C ALA B 46 7.23 -17.10 -16.15
N GLU B 47 7.75 -18.06 -16.90
CA GLU B 47 6.91 -19.16 -17.32
C GLU B 47 6.58 -20.05 -16.12
N GLY B 48 5.41 -20.69 -16.18
CA GLY B 48 4.90 -21.45 -15.06
C GLY B 48 4.20 -20.64 -14.02
N TYR B 49 3.99 -19.33 -14.27
CA TYR B 49 3.35 -18.45 -13.30
C TYR B 49 2.80 -17.26 -14.06
N SER B 50 1.48 -17.11 -14.02
CA SER B 50 0.81 -15.93 -14.58
C SER B 50 0.45 -14.98 -13.46
N TYR B 51 0.68 -13.70 -13.70
CA TYR B 51 0.68 -12.69 -12.65
C TYR B 51 -0.71 -12.10 -12.47
N THR B 52 -0.82 -11.20 -11.49
CA THR B 52 -1.98 -10.32 -11.44
C THR B 52 -1.95 -9.38 -12.65
N ASP B 53 -3.11 -8.82 -12.96
CA ASP B 53 -3.21 -7.95 -14.14
C ASP B 53 -2.64 -6.56 -13.87
N ALA B 54 -1.82 -6.44 -12.81
CA ALA B 54 -1.06 -5.20 -12.60
C ALA B 54 0.12 -5.13 -13.55
N ASN B 55 0.69 -6.28 -13.92
CA ASN B 55 1.79 -6.32 -14.88
C ASN B 55 1.41 -5.66 -16.20
N ILE B 56 0.13 -5.47 -16.46
CA ILE B 56 -0.30 -4.95 -17.75
C ILE B 56 -0.31 -3.41 -17.79
N LYS B 57 -0.49 -2.75 -16.65
CA LYS B 57 -0.45 -1.29 -16.64
C LYS B 57 0.98 -0.77 -16.61
N LYS B 58 1.79 -1.29 -15.68
CA LYS B 58 3.20 -0.90 -15.57
C LYS B 58 4.06 -2.11 -15.91
N ASN B 59 4.80 -2.05 -17.01
CA ASN B 59 5.71 -3.13 -17.34
C ASN B 59 6.84 -2.64 -18.25
N VAL B 60 7.85 -2.02 -17.64
CA VAL B 60 9.16 -1.82 -18.25
C VAL B 60 10.14 -2.61 -17.42
N LEU B 61 11.01 -3.37 -18.08
CA LEU B 61 11.86 -4.31 -17.37
C LEU B 61 12.80 -3.59 -16.40
N TRP B 62 13.05 -4.24 -15.27
CA TRP B 62 13.82 -3.65 -14.19
C TRP B 62 15.29 -3.47 -14.57
N ASP B 63 15.95 -2.57 -13.86
CA ASP B 63 17.38 -2.36 -14.01
C ASP B 63 17.95 -2.13 -12.61
N GLU B 64 19.16 -1.56 -12.55
CA GLU B 64 19.79 -1.30 -11.27
C GLU B 64 19.06 -0.21 -10.49
N ASN B 65 18.38 0.70 -11.18
CA ASN B 65 17.80 1.88 -10.55
C ASN B 65 16.29 1.77 -10.37
N ASN B 66 15.54 1.69 -11.47
CA ASN B 66 14.10 1.82 -11.39
C ASN B 66 13.43 0.66 -10.65
N MET B 67 14.14 -0.45 -10.44
CA MET B 67 13.57 -1.50 -9.61
C MET B 67 13.64 -1.11 -8.13
N SER B 68 14.75 -0.51 -7.70
CA SER B 68 14.86 -0.03 -6.33
C SER B 68 13.64 0.77 -5.92
N GLU B 69 13.05 1.51 -6.85
CA GLU B 69 11.78 2.17 -6.59
C GLU B 69 10.67 1.16 -6.31
N TYR B 70 10.72 -0.01 -6.98
CA TYR B 70 9.69 -1.02 -6.76
C TYR B 70 9.81 -1.63 -5.36
N LEU B 71 11.01 -1.75 -4.82
CA LEU B 71 11.17 -2.25 -3.46
C LEU B 71 10.93 -1.19 -2.40
N THR B 72 10.59 0.03 -2.78
CA THR B 72 10.16 1.01 -1.80
C THR B 72 8.73 0.71 -1.35
N ASN B 73 7.84 0.46 -2.30
CA ASN B 73 6.47 0.02 -2.00
C ASN B 73 6.01 -0.93 -3.09
N PRO B 74 6.43 -2.18 -3.04
CA PRO B 74 5.90 -3.16 -4.01
C PRO B 74 4.42 -3.42 -3.83
N ALA B 75 3.90 -3.23 -2.61
CA ALA B 75 2.48 -3.45 -2.37
C ALA B 75 1.60 -2.44 -3.08
N LYS B 76 2.15 -1.27 -3.44
CA LYS B 76 1.37 -0.29 -4.20
C LYS B 76 0.85 -0.90 -5.50
N TYR B 77 1.58 -1.84 -6.08
CA TYR B 77 1.18 -2.45 -7.34
C TYR B 77 0.37 -3.72 -7.17
N ILE B 78 0.24 -4.25 -5.97
CA ILE B 78 -0.52 -5.49 -5.80
C ILE B 78 -2.00 -5.17 -5.72
N PRO B 79 -2.85 -5.83 -6.51
CA PRO B 79 -4.25 -5.40 -6.63
C PRO B 79 -5.06 -5.71 -5.39
N GLY B 80 -6.04 -4.84 -5.13
CA GLY B 80 -6.84 -4.90 -3.92
C GLY B 80 -6.23 -4.17 -2.73
N THR B 81 -5.01 -3.65 -2.88
CA THR B 81 -4.37 -2.94 -1.76
C THR B 81 -5.02 -1.58 -1.53
N LYS B 82 -5.43 -0.91 -2.60
CA LYS B 82 -6.18 0.34 -2.43
C LYS B 82 -7.46 0.09 -1.63
N MET B 83 -8.29 -0.84 -2.09
CA MET B 83 -9.61 -1.02 -1.50
C MET B 83 -9.56 -1.44 -0.04
N ALA B 84 -8.44 -2.02 0.41
CA ALA B 84 -8.37 -2.73 1.69
C ALA B 84 -8.92 -1.92 2.85
N PHE B 85 -8.41 -0.72 3.06
CA PHE B 85 -8.76 0.13 4.19
C PHE B 85 -9.60 1.31 3.71
N GLY B 86 -10.52 1.03 2.79
CA GLY B 86 -11.44 2.06 2.32
C GLY B 86 -11.02 2.80 1.06
N GLY B 87 -10.08 2.25 0.30
CA GLY B 87 -9.64 2.94 -0.91
C GLY B 87 -10.73 2.96 -1.96
N LEU B 88 -10.94 4.14 -2.56
CA LEU B 88 -11.91 4.35 -3.63
C LEU B 88 -11.18 4.80 -4.88
N LYS B 89 -11.17 3.95 -5.91
CA LYS B 89 -10.44 4.28 -7.13
C LYS B 89 -11.13 5.39 -7.93
N LYS B 90 -12.47 5.39 -7.96
CA LYS B 90 -13.20 6.35 -8.82
C LYS B 90 -13.40 7.67 -8.09
N GLU B 91 -13.08 8.77 -8.76
CA GLU B 91 -13.23 10.09 -8.14
C GLU B 91 -14.69 10.44 -7.86
N LYS B 92 -15.62 10.01 -8.73
CA LYS B 92 -17.04 10.23 -8.46
C LYS B 92 -17.48 9.49 -7.20
N ASP B 93 -16.90 8.32 -6.93
CA ASP B 93 -17.16 7.64 -5.67
C ASP B 93 -16.63 8.44 -4.48
N ARG B 94 -15.39 8.94 -4.59
CA ARG B 94 -14.85 9.77 -3.52
C ARG B 94 -15.67 11.04 -3.33
N ASN B 95 -16.12 11.63 -4.43
CA ASN B 95 -17.03 12.77 -4.37
C ASN B 95 -18.31 12.43 -3.60
N ASP B 96 -18.95 11.30 -3.95
CA ASP B 96 -20.21 10.96 -3.30
C ASP B 96 -19.98 10.61 -1.83
N LEU B 97 -18.92 9.86 -1.55
N LEU B 97 -18.91 9.86 -1.54
CA LEU B 97 -18.63 9.53 -0.16
CA LEU B 97 -18.64 9.54 -0.15
C LEU B 97 -18.40 10.80 0.65
C LEU B 97 -18.37 10.78 0.67
N ILE B 98 -17.57 11.71 0.14
CA ILE B 98 -17.25 12.93 0.87
C ILE B 98 -18.50 13.77 1.03
N THR B 99 -19.35 13.82 0.00
CA THR B 99 -20.64 14.49 0.12
C THR B 99 -21.43 13.93 1.29
N TYR B 100 -21.56 12.61 1.37
CA TYR B 100 -22.28 12.02 2.49
C TYR B 100 -21.57 12.29 3.82
N LEU B 101 -20.24 12.09 3.85
CA LEU B 101 -19.52 12.11 5.12
C LEU B 101 -19.53 13.49 5.75
N LYS B 102 -19.45 14.54 4.92
CA LYS B 102 -19.46 15.90 5.45
C LYS B 102 -20.73 16.16 6.27
N LYS B 103 -21.87 15.67 5.80
CA LYS B 103 -23.10 15.90 6.57
C LYS B 103 -23.26 14.90 7.71
N ALA B 104 -22.85 13.64 7.51
CA ALA B 104 -23.08 12.63 8.52
C ALA B 104 -22.19 12.83 9.72
N SER B 105 -21.00 13.38 9.52
CA SER B 105 -20.04 13.55 10.61
C SER B 105 -20.17 14.90 11.31
N GLU B 106 -20.96 15.83 10.79
CA GLU B 106 -20.91 17.15 11.43
C GLU B 106 -22.12 17.37 12.34
#